data_6GGZ
#
_entry.id   6GGZ
#
_entity_poly.entity_id   1
_entity_poly.type   'polypeptide(L)'
_entity_poly.pdbx_seq_one_letter_code
;(PCA)IETNKKCQGGSCASVCRKVIGVAAGKCINGRCVCYP
;
_entity_poly.pdbx_strand_id   1
#
# COMPACT_ATOMS: atom_id res chain seq x y z
N ILE A 2 4.64 -0.86 -7.07
CA ILE A 2 5.17 -1.90 -6.21
C ILE A 2 4.04 -2.67 -5.52
N GLU A 3 3.60 -3.73 -6.16
CA GLU A 3 2.53 -4.56 -5.64
C GLU A 3 3.06 -5.54 -4.60
N THR A 4 3.01 -5.14 -3.34
CA THR A 4 3.46 -6.00 -2.25
C THR A 4 2.33 -6.92 -1.80
N ASN A 5 2.67 -8.13 -1.40
CA ASN A 5 1.67 -9.10 -0.98
C ASN A 5 1.32 -8.88 0.50
N LYS A 6 0.96 -7.64 0.80
CA LYS A 6 0.53 -7.28 2.15
C LYS A 6 -0.97 -7.07 2.16
N LYS A 7 -1.58 -7.18 3.34
CA LYS A 7 -3.01 -6.96 3.47
C LYS A 7 -3.31 -5.47 3.57
N CYS A 8 -4.43 -5.05 2.99
CA CYS A 8 -4.81 -3.65 2.97
C CYS A 8 -5.14 -3.17 4.37
N GLN A 9 -4.91 -1.89 4.62
CA GLN A 9 -5.15 -1.31 5.93
C GLN A 9 -6.52 -0.65 5.93
N GLY A 10 -7.56 -1.47 5.93
CA GLY A 10 -8.91 -0.97 5.87
C GLY A 10 -9.44 -0.93 4.46
N GLY A 11 -9.01 0.07 3.70
CA GLY A 11 -9.44 0.21 2.32
C GLY A 11 -8.30 0.57 1.38
N SER A 12 -7.19 1.02 1.95
CA SER A 12 -6.04 1.41 1.16
C SER A 12 -4.75 1.05 1.89
N CYS A 13 -3.63 1.41 1.29
CA CYS A 13 -2.34 1.06 1.86
C CYS A 13 -1.40 2.27 1.80
N ALA A 14 -1.99 3.46 1.82
CA ALA A 14 -1.22 4.70 1.75
C ALA A 14 -0.30 4.86 2.96
N SER A 15 -0.84 4.63 4.15
CA SER A 15 -0.06 4.75 5.37
C SER A 15 0.94 3.61 5.47
N VAL A 16 0.58 2.45 4.90
CA VAL A 16 1.48 1.30 4.84
C VAL A 16 2.72 1.65 4.02
N CYS A 17 2.48 2.11 2.80
CA CYS A 17 3.56 2.47 1.89
C CYS A 17 4.35 3.67 2.42
N ARG A 18 3.68 4.51 3.18
CA ARG A 18 4.32 5.65 3.82
C ARG A 18 5.36 5.19 4.83
N LYS A 19 5.14 3.99 5.36
CA LYS A 19 6.08 3.39 6.29
C LYS A 19 7.14 2.58 5.51
N VAL A 20 6.67 1.79 4.55
CA VAL A 20 7.56 0.91 3.77
C VAL A 20 8.60 1.70 2.99
N ILE A 21 8.14 2.56 2.09
CA ILE A 21 9.04 3.31 1.23
C ILE A 21 9.09 4.79 1.61
N GLY A 22 7.96 5.34 2.05
CA GLY A 22 7.95 6.72 2.48
C GLY A 22 6.75 7.49 1.96
N VAL A 23 6.38 7.25 0.71
CA VAL A 23 5.28 7.98 0.09
C VAL A 23 3.94 7.42 0.54
N ALA A 24 2.95 8.30 0.64
CA ALA A 24 1.63 7.90 1.08
C ALA A 24 0.76 7.56 -0.12
N ALA A 25 1.35 6.85 -1.06
CA ALA A 25 0.65 6.41 -2.24
C ALA A 25 0.58 4.89 -2.28
N GLY A 26 -0.60 4.38 -2.03
CA GLY A 26 -0.79 2.94 -1.98
C GLY A 26 -2.26 2.56 -1.89
N LYS A 27 -2.67 1.64 -2.74
CA LYS A 27 -4.09 1.29 -2.85
C LYS A 27 -4.29 -0.21 -2.66
N CYS A 28 -5.55 -0.59 -2.46
CA CYS A 28 -5.90 -1.97 -2.17
C CYS A 28 -6.33 -2.70 -3.43
N ILE A 29 -5.36 -3.34 -4.09
CA ILE A 29 -5.65 -4.11 -5.29
C ILE A 29 -5.61 -5.61 -4.96
N ASN A 30 -6.74 -6.28 -5.17
CA ASN A 30 -6.86 -7.71 -4.91
C ASN A 30 -6.52 -8.06 -3.46
N GLY A 31 -6.74 -7.11 -2.57
CA GLY A 31 -6.45 -7.33 -1.17
C GLY A 31 -4.98 -7.19 -0.85
N ARG A 32 -4.21 -6.65 -1.80
CA ARG A 32 -2.79 -6.43 -1.61
C ARG A 32 -2.48 -4.94 -1.66
N CYS A 33 -1.28 -4.59 -1.22
CA CYS A 33 -0.86 -3.21 -1.14
C CYS A 33 0.09 -2.84 -2.26
N VAL A 34 -0.39 -2.09 -3.23
CA VAL A 34 0.47 -1.60 -4.29
C VAL A 34 0.91 -0.18 -3.98
N CYS A 35 2.19 -0.03 -3.74
CA CYS A 35 2.77 1.26 -3.44
C CYS A 35 3.13 1.98 -4.73
N TYR A 36 2.99 3.29 -4.73
CA TYR A 36 3.25 4.08 -5.93
C TYR A 36 4.37 5.10 -5.70
N PRO A 37 5.63 4.63 -5.74
CA PRO A 37 6.79 5.51 -5.59
C PRO A 37 7.02 6.42 -6.79
N ILE A 2 4.39 -0.86 -6.99
CA ILE A 2 4.89 -1.97 -6.20
C ILE A 2 3.78 -2.64 -5.41
N GLU A 3 3.24 -3.71 -5.97
CA GLU A 3 2.26 -4.54 -5.26
C GLU A 3 2.98 -5.45 -4.28
N THR A 4 2.73 -5.24 -3.00
CA THR A 4 3.37 -6.02 -1.96
C THR A 4 2.43 -7.10 -1.44
N ASN A 5 3.00 -8.17 -0.90
CA ASN A 5 2.22 -9.29 -0.39
C ASN A 5 1.72 -9.00 1.02
N LYS A 6 1.14 -7.83 1.20
CA LYS A 6 0.61 -7.42 2.49
C LYS A 6 -0.89 -7.16 2.39
N LYS A 7 -1.54 -7.05 3.52
CA LYS A 7 -2.97 -6.78 3.55
C LYS A 7 -3.23 -5.28 3.70
N CYS A 8 -4.29 -4.82 3.05
CA CYS A 8 -4.64 -3.40 3.00
C CYS A 8 -5.11 -2.91 4.37
N GLN A 9 -5.12 -1.59 4.55
CA GLN A 9 -5.44 -0.98 5.82
C GLN A 9 -6.83 -0.33 5.77
N GLY A 10 -7.74 -0.96 5.05
CA GLY A 10 -9.08 -0.43 4.93
C GLY A 10 -9.25 0.43 3.70
N GLY A 11 -9.47 -0.20 2.56
CA GLY A 11 -9.70 0.53 1.33
C GLY A 11 -8.42 0.82 0.57
N SER A 12 -7.38 1.18 1.31
CA SER A 12 -6.09 1.47 0.72
C SER A 12 -4.98 0.96 1.62
N CYS A 13 -3.75 1.23 1.25
CA CYS A 13 -2.60 0.81 2.03
C CYS A 13 -1.54 1.90 2.00
N ALA A 14 -2.01 3.13 1.85
CA ALA A 14 -1.13 4.31 1.79
C ALA A 14 -0.33 4.46 3.07
N SER A 15 -0.95 4.14 4.19
CA SER A 15 -0.30 4.21 5.49
C SER A 15 0.88 3.24 5.56
N VAL A 16 0.65 2.03 5.03
CA VAL A 16 1.68 1.01 4.97
C VAL A 16 2.81 1.42 4.03
N CYS A 17 2.44 1.90 2.85
CA CYS A 17 3.41 2.36 1.87
C CYS A 17 4.26 3.51 2.42
N ARG A 18 3.67 4.32 3.29
CA ARG A 18 4.39 5.43 3.91
C ARG A 18 5.49 4.90 4.84
N LYS A 19 5.35 3.66 5.27
CA LYS A 19 6.36 3.03 6.11
C LYS A 19 7.32 2.21 5.24
N VAL A 20 6.80 1.64 4.17
CA VAL A 20 7.60 0.83 3.26
C VAL A 20 8.53 1.71 2.42
N ILE A 21 7.96 2.51 1.52
CA ILE A 21 8.77 3.32 0.61
C ILE A 21 8.91 4.76 1.13
N GLY A 22 8.11 5.10 2.12
CA GLY A 22 8.22 6.43 2.71
C GLY A 22 7.27 7.43 2.08
N VAL A 23 6.42 6.96 1.18
CA VAL A 23 5.44 7.81 0.53
C VAL A 23 4.05 7.28 0.80
N ALA A 24 3.09 8.18 0.92
CA ALA A 24 1.73 7.79 1.27
C ALA A 24 0.86 7.65 0.04
N ALA A 25 1.44 7.12 -1.02
CA ALA A 25 0.70 6.86 -2.24
C ALA A 25 0.54 5.36 -2.43
N GLY A 26 -0.69 4.89 -2.33
CA GLY A 26 -0.95 3.47 -2.44
C GLY A 26 -2.42 3.17 -2.59
N LYS A 27 -2.72 1.96 -3.04
CA LYS A 27 -4.09 1.52 -3.22
C LYS A 27 -4.23 0.06 -2.80
N CYS A 28 -5.45 -0.44 -2.83
CA CYS A 28 -5.70 -1.84 -2.49
C CYS A 28 -6.01 -2.62 -3.76
N ILE A 29 -5.10 -3.51 -4.14
CA ILE A 29 -5.26 -4.32 -5.33
C ILE A 29 -5.32 -5.81 -4.98
N ASN A 30 -6.49 -6.41 -5.17
CA ASN A 30 -6.70 -7.83 -4.89
C ASN A 30 -6.43 -8.16 -3.43
N GLY A 31 -6.64 -7.18 -2.56
CA GLY A 31 -6.38 -7.37 -1.15
C GLY A 31 -4.92 -7.16 -0.80
N ARG A 32 -4.14 -6.67 -1.76
CA ARG A 32 -2.73 -6.43 -1.56
C ARG A 32 -2.43 -4.93 -1.65
N CYS A 33 -1.27 -4.56 -1.13
CA CYS A 33 -0.90 -3.16 -1.01
C CYS A 33 0.01 -2.74 -2.16
N VAL A 34 -0.51 -1.92 -3.05
CA VAL A 34 0.30 -1.40 -4.13
C VAL A 34 0.81 -0.01 -3.79
N CYS A 35 2.12 0.14 -3.79
CA CYS A 35 2.74 1.42 -3.47
C CYS A 35 3.15 2.15 -4.74
N TYR A 36 2.95 3.45 -4.76
CA TYR A 36 3.29 4.28 -5.91
C TYR A 36 4.38 5.28 -5.58
N PRO A 37 5.63 4.97 -5.92
CA PRO A 37 6.76 5.86 -5.69
C PRO A 37 6.83 6.99 -6.72
N ILE A 2 4.64 -0.79 -7.03
CA ILE A 2 5.15 -1.91 -6.26
C ILE A 2 4.02 -2.62 -5.52
N GLU A 3 3.46 -3.64 -6.16
CA GLU A 3 2.46 -4.48 -5.52
C GLU A 3 3.11 -5.41 -4.52
N THR A 4 3.02 -5.05 -3.26
CA THR A 4 3.60 -5.83 -2.18
C THR A 4 2.59 -6.85 -1.66
N ASN A 5 3.06 -7.78 -0.85
CA ASN A 5 2.19 -8.81 -0.29
C ASN A 5 1.57 -8.31 1.00
N LYS A 6 1.68 -7.02 1.24
CA LYS A 6 1.08 -6.40 2.41
C LYS A 6 -0.43 -6.32 2.23
N LYS A 7 -1.16 -6.41 3.33
CA LYS A 7 -2.61 -6.38 3.29
C LYS A 7 -3.13 -4.97 3.53
N CYS A 8 -4.23 -4.65 2.87
CA CYS A 8 -4.82 -3.31 2.91
C CYS A 8 -5.19 -2.90 4.33
N GLN A 9 -5.20 -1.59 4.58
CA GLN A 9 -5.48 -1.06 5.89
C GLN A 9 -6.47 0.10 5.78
N GLY A 10 -7.69 -0.12 6.22
CA GLY A 10 -8.71 0.90 6.13
C GLY A 10 -9.25 1.04 4.73
N GLY A 11 -9.00 0.02 3.91
CA GLY A 11 -9.47 0.04 2.54
C GLY A 11 -8.41 0.54 1.57
N SER A 12 -7.23 0.87 2.11
CA SER A 12 -6.16 1.38 1.27
C SER A 12 -4.81 1.01 1.87
N CYS A 13 -3.74 1.43 1.20
CA CYS A 13 -2.40 1.12 1.67
C CYS A 13 -1.53 2.36 1.63
N ALA A 14 -2.15 3.53 1.71
CA ALA A 14 -1.43 4.79 1.70
C ALA A 14 -0.52 4.90 2.91
N SER A 15 -1.08 4.61 4.09
CA SER A 15 -0.31 4.67 5.31
C SER A 15 0.64 3.48 5.41
N VAL A 16 0.25 2.36 4.79
CA VAL A 16 1.08 1.17 4.74
C VAL A 16 2.36 1.45 3.96
N CYS A 17 2.21 1.91 2.73
CA CYS A 17 3.34 2.19 1.87
C CYS A 17 4.16 3.36 2.39
N ARG A 18 3.53 4.20 3.20
CA ARG A 18 4.22 5.32 3.83
C ARG A 18 5.30 4.80 4.79
N LYS A 19 5.11 3.57 5.26
CA LYS A 19 6.09 2.92 6.11
C LYS A 19 7.02 2.02 5.28
N VAL A 20 6.44 1.41 4.25
CA VAL A 20 7.20 0.48 3.39
C VAL A 20 8.22 1.23 2.53
N ILE A 21 7.73 2.09 1.64
CA ILE A 21 8.62 2.82 0.75
C ILE A 21 8.89 4.23 1.27
N GLY A 22 7.93 4.78 1.98
CA GLY A 22 8.10 6.11 2.54
C GLY A 22 7.02 7.07 2.10
N VAL A 23 6.53 6.89 0.89
CA VAL A 23 5.51 7.76 0.34
C VAL A 23 4.14 7.24 0.69
N ALA A 24 3.21 8.16 0.87
CA ALA A 24 1.86 7.80 1.30
C ALA A 24 0.94 7.56 0.10
N ALA A 25 1.43 6.77 -0.84
CA ALA A 25 0.65 6.39 -2.00
C ALA A 25 0.58 4.88 -2.11
N GLY A 26 -0.61 4.34 -1.92
CA GLY A 26 -0.78 2.91 -1.94
C GLY A 26 -2.24 2.51 -2.04
N LYS A 27 -2.58 1.72 -3.03
CA LYS A 27 -3.96 1.32 -3.26
C LYS A 27 -4.16 -0.14 -2.88
N CYS A 28 -5.42 -0.54 -2.77
CA CYS A 28 -5.76 -1.88 -2.35
C CYS A 28 -6.15 -2.74 -3.55
N ILE A 29 -5.21 -3.56 -4.01
CA ILE A 29 -5.46 -4.42 -5.14
C ILE A 29 -5.55 -5.88 -4.70
N ASN A 30 -6.77 -6.42 -4.72
CA ASN A 30 -7.01 -7.81 -4.37
C ASN A 30 -6.51 -8.12 -2.97
N GLY A 31 -6.57 -7.13 -2.09
CA GLY A 31 -6.11 -7.33 -0.72
C GLY A 31 -4.62 -7.07 -0.55
N ARG A 32 -3.96 -6.73 -1.65
CA ARG A 32 -2.53 -6.44 -1.62
C ARG A 32 -2.29 -4.95 -1.74
N CYS A 33 -1.13 -4.51 -1.28
CA CYS A 33 -0.79 -3.10 -1.25
C CYS A 33 0.12 -2.73 -2.40
N VAL A 34 -0.42 -1.96 -3.33
CA VAL A 34 0.37 -1.44 -4.43
C VAL A 34 0.92 -0.06 -4.08
N CYS A 35 2.21 -0.01 -3.83
CA CYS A 35 2.87 1.23 -3.46
C CYS A 35 3.25 2.02 -4.70
N TYR A 36 3.07 3.32 -4.63
CA TYR A 36 3.44 4.20 -5.74
C TYR A 36 4.50 5.18 -5.29
N PRO A 37 5.77 4.91 -5.66
CA PRO A 37 6.88 5.77 -5.31
C PRO A 37 6.90 7.07 -6.14
N ILE A 2 4.37 -1.03 -7.04
CA ILE A 2 4.82 -2.22 -6.33
C ILE A 2 3.67 -2.86 -5.56
N GLU A 3 3.09 -3.91 -6.15
CA GLU A 3 2.09 -4.71 -5.47
C GLU A 3 2.74 -5.59 -4.41
N THR A 4 2.83 -5.05 -3.20
CA THR A 4 3.43 -5.78 -2.09
C THR A 4 2.48 -6.85 -1.58
N ASN A 5 3.03 -7.87 -0.93
CA ASN A 5 2.23 -8.97 -0.41
C ASN A 5 1.64 -8.60 0.96
N LYS A 6 1.27 -7.34 1.09
CA LYS A 6 0.69 -6.83 2.33
C LYS A 6 -0.77 -6.51 2.12
N LYS A 7 -1.56 -6.57 3.18
CA LYS A 7 -2.98 -6.29 3.09
C LYS A 7 -3.27 -4.84 3.41
N CYS A 8 -4.17 -4.24 2.64
CA CYS A 8 -4.52 -2.83 2.77
C CYS A 8 -5.03 -2.48 4.16
N GLN A 9 -4.75 -1.25 4.58
CA GLN A 9 -5.05 -0.80 5.93
C GLN A 9 -6.45 -0.17 5.98
N GLY A 10 -7.46 -1.00 5.77
CA GLY A 10 -8.82 -0.53 5.82
C GLY A 10 -9.23 0.19 4.55
N GLY A 11 -8.91 -0.40 3.41
CA GLY A 11 -9.25 0.20 2.14
C GLY A 11 -8.03 0.54 1.30
N SER A 12 -7.26 1.52 1.75
CA SER A 12 -6.08 1.94 1.01
C SER A 12 -4.81 1.53 1.75
N CYS A 13 -3.67 1.79 1.14
CA CYS A 13 -2.39 1.42 1.72
C CYS A 13 -1.49 2.62 1.86
N ALA A 14 -2.10 3.79 2.06
CA ALA A 14 -1.36 5.03 2.19
C ALA A 14 -0.40 4.95 3.39
N SER A 15 -0.91 4.54 4.53
CA SER A 15 -0.11 4.41 5.74
C SER A 15 0.91 3.28 5.59
N VAL A 16 0.49 2.19 4.96
CA VAL A 16 1.35 1.02 4.80
C VAL A 16 2.57 1.37 3.96
N CYS A 17 2.34 1.89 2.77
CA CYS A 17 3.43 2.25 1.86
C CYS A 17 4.24 3.41 2.42
N ARG A 18 3.61 4.24 3.24
CA ARG A 18 4.30 5.35 3.89
C ARG A 18 5.38 4.82 4.84
N LYS A 19 5.12 3.65 5.40
CA LYS A 19 6.06 3.01 6.31
C LYS A 19 7.11 2.23 5.52
N VAL A 20 6.71 1.69 4.37
CA VAL A 20 7.58 0.86 3.56
C VAL A 20 8.52 1.71 2.68
N ILE A 21 7.94 2.45 1.74
CA ILE A 21 8.74 3.23 0.79
C ILE A 21 8.84 4.69 1.20
N GLY A 22 8.05 5.08 2.18
CA GLY A 22 8.11 6.44 2.68
C GLY A 22 7.14 7.37 1.98
N VAL A 23 6.34 6.82 1.08
CA VAL A 23 5.36 7.62 0.36
C VAL A 23 3.96 7.13 0.68
N ALA A 24 3.03 8.05 0.77
CA ALA A 24 1.68 7.72 1.18
C ALA A 24 0.78 7.46 -0.02
N ALA A 25 1.34 6.80 -1.01
CA ALA A 25 0.58 6.41 -2.18
C ALA A 25 0.51 4.89 -2.25
N GLY A 26 -0.68 4.36 -2.01
CA GLY A 26 -0.85 2.93 -1.98
C GLY A 26 -2.30 2.53 -2.04
N LYS A 27 -2.62 1.62 -2.95
CA LYS A 27 -3.99 1.17 -3.14
C LYS A 27 -4.09 -0.32 -2.86
N CYS A 28 -5.31 -0.82 -2.78
CA CYS A 28 -5.53 -2.22 -2.49
C CYS A 28 -5.97 -2.97 -3.75
N ILE A 29 -5.15 -3.91 -4.18
CA ILE A 29 -5.47 -4.74 -5.33
C ILE A 29 -5.60 -6.19 -4.90
N ASN A 30 -6.85 -6.67 -4.85
CA ASN A 30 -7.16 -8.04 -4.45
C ASN A 30 -6.58 -8.36 -3.08
N GLY A 31 -6.64 -7.38 -2.17
CA GLY A 31 -6.14 -7.58 -0.83
C GLY A 31 -4.66 -7.32 -0.71
N ARG A 32 -4.04 -6.85 -1.79
CA ARG A 32 -2.63 -6.52 -1.77
C ARG A 32 -2.42 -5.01 -1.81
N CYS A 33 -1.25 -4.57 -1.38
CA CYS A 33 -0.93 -3.16 -1.31
C CYS A 33 -0.02 -2.75 -2.45
N VAL A 34 -0.57 -2.04 -3.41
CA VAL A 34 0.22 -1.52 -4.51
C VAL A 34 0.77 -0.14 -4.14
N CYS A 35 2.04 -0.11 -3.83
CA CYS A 35 2.69 1.13 -3.46
C CYS A 35 3.13 1.89 -4.70
N TYR A 36 2.89 3.19 -4.68
CA TYR A 36 3.24 4.05 -5.80
C TYR A 36 4.33 5.05 -5.40
N PRO A 37 5.59 4.75 -5.78
CA PRO A 37 6.71 5.66 -5.55
C PRO A 37 6.63 6.87 -6.48
N ILE A 2 4.46 -0.80 -7.04
CA ILE A 2 5.02 -1.91 -6.31
C ILE A 2 3.93 -2.67 -5.56
N GLU A 3 3.44 -3.74 -6.15
CA GLU A 3 2.49 -4.62 -5.46
C GLU A 3 3.22 -5.46 -4.42
N THR A 4 2.89 -5.23 -3.17
CA THR A 4 3.50 -5.95 -2.06
C THR A 4 2.54 -6.99 -1.50
N ASN A 5 3.07 -7.97 -0.81
CA ASN A 5 2.25 -9.03 -0.24
C ASN A 5 1.76 -8.61 1.14
N LYS A 6 1.15 -7.44 1.19
CA LYS A 6 0.63 -6.89 2.43
C LYS A 6 -0.82 -6.48 2.25
N LYS A 7 -1.55 -6.40 3.35
CA LYS A 7 -2.97 -6.06 3.33
C LYS A 7 -3.17 -4.56 3.35
N CYS A 8 -4.23 -4.10 2.70
CA CYS A 8 -4.54 -2.69 2.62
C CYS A 8 -5.41 -2.25 3.79
N GLN A 9 -5.60 -0.94 3.92
CA GLN A 9 -6.42 -0.38 4.98
C GLN A 9 -7.84 -0.10 4.48
N GLY A 10 -8.27 -0.88 3.49
CA GLY A 10 -9.58 -0.68 2.91
C GLY A 10 -9.55 0.32 1.78
N GLY A 11 -9.34 -0.17 0.56
CA GLY A 11 -9.32 0.70 -0.59
C GLY A 11 -7.92 1.21 -0.90
N SER A 12 -7.23 1.69 0.11
CA SER A 12 -5.91 2.26 -0.08
C SER A 12 -4.89 1.62 0.85
N CYS A 13 -3.63 1.97 0.64
CA CYS A 13 -2.52 1.45 1.41
C CYS A 13 -1.54 2.58 1.72
N ALA A 14 -2.11 3.76 1.97
CA ALA A 14 -1.32 4.95 2.19
C ALA A 14 -0.35 4.81 3.37
N SER A 15 -0.85 4.28 4.48
CA SER A 15 -0.06 4.20 5.69
C SER A 15 1.03 3.13 5.59
N VAL A 16 0.71 2.00 4.99
CA VAL A 16 1.68 0.91 4.83
C VAL A 16 2.84 1.36 3.94
N CYS A 17 2.52 1.83 2.75
CA CYS A 17 3.53 2.32 1.82
C CYS A 17 4.35 3.46 2.41
N ARG A 18 3.71 4.28 3.24
CA ARG A 18 4.39 5.39 3.90
C ARG A 18 5.46 4.88 4.86
N LYS A 19 5.22 3.70 5.41
CA LYS A 19 6.16 3.10 6.34
C LYS A 19 7.23 2.31 5.58
N VAL A 20 6.80 1.60 4.53
CA VAL A 20 7.71 0.79 3.73
C VAL A 20 8.69 1.65 2.95
N ILE A 21 8.18 2.40 1.96
CA ILE A 21 9.04 3.16 1.08
C ILE A 21 9.07 4.64 1.46
N GLY A 22 7.97 5.16 1.98
CA GLY A 22 7.95 6.53 2.43
C GLY A 22 6.72 7.30 1.97
N VAL A 23 6.31 7.10 0.73
CA VAL A 23 5.19 7.85 0.18
C VAL A 23 3.87 7.27 0.67
N ALA A 24 2.88 8.14 0.82
CA ALA A 24 1.56 7.72 1.28
C ALA A 24 0.64 7.49 0.08
N ALA A 25 1.23 7.05 -1.01
CA ALA A 25 0.47 6.71 -2.20
C ALA A 25 0.44 5.20 -2.36
N GLY A 26 -0.74 4.64 -2.16
CA GLY A 26 -0.89 3.20 -2.20
C GLY A 26 -2.34 2.79 -2.35
N LYS A 27 -2.58 1.76 -3.15
CA LYS A 27 -3.93 1.31 -3.41
C LYS A 27 -4.09 -0.15 -3.01
N CYS A 28 -5.30 -0.65 -3.14
CA CYS A 28 -5.59 -2.02 -2.76
C CYS A 28 -6.01 -2.84 -3.97
N ILE A 29 -5.14 -3.74 -4.39
CA ILE A 29 -5.42 -4.63 -5.51
C ILE A 29 -5.69 -6.03 -5.00
N ASN A 30 -6.94 -6.46 -5.06
CA ASN A 30 -7.36 -7.80 -4.67
C ASN A 30 -6.94 -8.11 -3.23
N GLY A 31 -7.09 -7.13 -2.35
CA GLY A 31 -6.76 -7.32 -0.96
C GLY A 31 -5.28 -7.14 -0.68
N ARG A 32 -4.52 -6.83 -1.73
CA ARG A 32 -3.08 -6.62 -1.60
C ARG A 32 -2.76 -5.13 -1.67
N CYS A 33 -1.55 -4.79 -1.27
CA CYS A 33 -1.12 -3.40 -1.23
C CYS A 33 -0.23 -3.09 -2.42
N VAL A 34 -0.55 -2.01 -3.12
CA VAL A 34 0.28 -1.56 -4.22
C VAL A 34 0.79 -0.15 -3.96
N CYS A 35 2.09 -0.01 -3.82
CA CYS A 35 2.69 1.27 -3.53
C CYS A 35 3.02 2.03 -4.80
N TYR A 36 2.80 3.34 -4.76
CA TYR A 36 3.09 4.19 -5.90
C TYR A 36 4.13 5.25 -5.51
N PRO A 37 5.42 4.92 -5.66
CA PRO A 37 6.51 5.83 -5.30
C PRO A 37 6.54 7.09 -6.16
N ILE A 2 4.85 -0.61 -6.97
CA ILE A 2 5.40 -1.71 -6.19
C ILE A 2 4.29 -2.45 -5.45
N GLU A 3 3.76 -3.47 -6.12
CA GLU A 3 2.79 -4.36 -5.51
C GLU A 3 3.46 -5.24 -4.47
N THR A 4 2.86 -5.35 -3.29
CA THR A 4 3.40 -6.14 -2.21
C THR A 4 2.34 -7.11 -1.69
N ASN A 5 2.78 -8.06 -0.87
CA ASN A 5 1.89 -9.08 -0.32
C ASN A 5 1.23 -8.56 0.95
N LYS A 6 1.61 -7.37 1.37
CA LYS A 6 1.07 -6.76 2.56
C LYS A 6 -0.41 -6.45 2.39
N LYS A 7 -1.14 -6.47 3.49
CA LYS A 7 -2.59 -6.32 3.46
C LYS A 7 -2.99 -4.85 3.52
N CYS A 8 -4.06 -4.53 2.81
CA CYS A 8 -4.51 -3.14 2.65
C CYS A 8 -5.04 -2.56 3.97
N GLN A 9 -5.25 -1.24 3.97
CA GLN A 9 -5.71 -0.54 5.17
C GLN A 9 -7.00 0.23 4.86
N GLY A 10 -8.06 -0.49 4.56
CA GLY A 10 -9.34 0.13 4.31
C GLY A 10 -9.53 0.54 2.86
N GLY A 11 -9.08 -0.32 1.96
CA GLY A 11 -9.23 -0.06 0.54
C GLY A 11 -8.02 0.64 -0.04
N SER A 12 -7.08 1.00 0.81
CA SER A 12 -5.88 1.68 0.38
C SER A 12 -4.66 1.05 1.03
N CYS A 13 -3.51 1.65 0.80
CA CYS A 13 -2.29 1.20 1.44
C CYS A 13 -1.40 2.40 1.77
N ALA A 14 -2.04 3.54 2.00
CA ALA A 14 -1.32 4.79 2.26
C ALA A 14 -0.43 4.67 3.49
N SER A 15 -0.98 4.13 4.57
CA SER A 15 -0.24 4.00 5.82
C SER A 15 0.88 2.97 5.71
N VAL A 16 0.62 1.88 5.00
CA VAL A 16 1.60 0.82 4.82
C VAL A 16 2.75 1.30 3.94
N CYS A 17 2.41 1.85 2.78
CA CYS A 17 3.40 2.35 1.85
C CYS A 17 4.24 3.47 2.45
N ARG A 18 3.65 4.24 3.35
CA ARG A 18 4.39 5.32 4.02
C ARG A 18 5.50 4.74 4.87
N LYS A 19 5.34 3.50 5.30
CA LYS A 19 6.35 2.81 6.06
C LYS A 19 7.37 2.15 5.13
N VAL A 20 6.87 1.50 4.08
CA VAL A 20 7.72 0.77 3.14
C VAL A 20 8.58 1.71 2.30
N ILE A 21 7.94 2.51 1.44
CA ILE A 21 8.67 3.38 0.53
C ILE A 21 8.82 4.79 1.11
N GLY A 22 7.93 5.14 2.03
CA GLY A 22 8.02 6.45 2.66
C GLY A 22 7.05 7.45 2.06
N VAL A 23 6.14 6.95 1.24
CA VAL A 23 5.13 7.80 0.63
C VAL A 23 3.76 7.22 0.91
N ALA A 24 2.78 8.09 1.07
CA ALA A 24 1.44 7.66 1.43
C ALA A 24 0.59 7.48 0.19
N ALA A 25 1.21 6.94 -0.85
CA ALA A 25 0.51 6.61 -2.08
C ALA A 25 0.46 5.10 -2.24
N GLY A 26 -0.73 4.56 -2.06
CA GLY A 26 -0.90 3.12 -2.09
C GLY A 26 -2.35 2.72 -2.21
N LYS A 27 -2.61 1.70 -3.00
CA LYS A 27 -3.97 1.25 -3.25
C LYS A 27 -4.12 -0.21 -2.89
N CYS A 28 -5.32 -0.72 -3.03
CA CYS A 28 -5.60 -2.11 -2.72
C CYS A 28 -5.99 -2.88 -3.98
N ILE A 29 -5.16 -3.84 -4.34
CA ILE A 29 -5.42 -4.68 -5.49
C ILE A 29 -5.71 -6.10 -5.05
N ASN A 30 -6.99 -6.46 -5.04
CA ASN A 30 -7.45 -7.79 -4.65
C ASN A 30 -6.93 -8.18 -3.28
N GLY A 31 -6.98 -7.24 -2.34
CA GLY A 31 -6.56 -7.52 -0.98
C GLY A 31 -5.05 -7.44 -0.82
N ARG A 32 -4.36 -6.94 -1.83
CA ARG A 32 -2.92 -6.78 -1.77
C ARG A 32 -2.55 -5.32 -1.92
N CYS A 33 -1.43 -4.94 -1.31
CA CYS A 33 -1.00 -3.56 -1.31
C CYS A 33 -0.21 -3.22 -2.56
N VAL A 34 -0.37 -2.01 -3.05
CA VAL A 34 0.43 -1.52 -4.16
C VAL A 34 0.92 -0.11 -3.89
N CYS A 35 2.22 0.03 -3.79
CA CYS A 35 2.83 1.31 -3.44
C CYS A 35 3.23 2.09 -4.67
N TYR A 36 2.98 3.39 -4.64
CA TYR A 36 3.32 4.27 -5.74
C TYR A 36 4.35 5.30 -5.29
N PRO A 37 5.64 5.05 -5.59
CA PRO A 37 6.73 5.97 -5.25
C PRO A 37 6.85 7.09 -6.28
N ILE A 2 4.59 -0.67 -7.10
CA ILE A 2 5.19 -1.70 -6.25
C ILE A 2 4.12 -2.49 -5.50
N GLU A 3 3.73 -3.62 -6.06
CA GLU A 3 2.78 -4.51 -5.38
C GLU A 3 3.45 -5.19 -4.19
N THR A 4 3.30 -4.59 -3.02
CA THR A 4 3.83 -5.16 -1.81
C THR A 4 2.88 -6.23 -1.27
N ASN A 5 3.44 -7.22 -0.59
CA ASN A 5 2.64 -8.30 -0.03
C ASN A 5 2.02 -7.89 1.29
N LYS A 6 1.32 -6.76 1.29
CA LYS A 6 0.65 -6.25 2.47
C LYS A 6 -0.86 -6.39 2.33
N LYS A 7 -1.53 -6.65 3.44
CA LYS A 7 -2.98 -6.64 3.48
C LYS A 7 -3.46 -5.20 3.56
N CYS A 8 -4.45 -4.86 2.75
CA CYS A 8 -4.96 -3.49 2.69
C CYS A 8 -5.42 -3.04 4.07
N GLN A 9 -5.12 -1.79 4.38
CA GLN A 9 -5.39 -1.25 5.70
C GLN A 9 -6.79 -0.65 5.74
N GLY A 10 -7.77 -1.47 5.40
CA GLY A 10 -9.15 -1.02 5.33
C GLY A 10 -9.59 -0.82 3.90
N GLY A 11 -9.08 0.21 3.27
CA GLY A 11 -9.41 0.48 1.87
C GLY A 11 -8.18 0.77 1.03
N SER A 12 -7.16 1.33 1.66
CA SER A 12 -5.93 1.66 0.97
C SER A 12 -4.73 1.18 1.79
N CYS A 13 -3.54 1.44 1.29
CA CYS A 13 -2.32 1.13 2.01
C CYS A 13 -1.36 2.31 1.94
N ALA A 14 -1.94 3.51 1.97
CA ALA A 14 -1.15 4.74 1.93
C ALA A 14 -0.21 4.83 3.14
N SER A 15 -0.75 4.59 4.33
CA SER A 15 0.02 4.62 5.56
C SER A 15 1.00 3.45 5.59
N VAL A 16 0.58 2.33 5.01
CA VAL A 16 1.42 1.14 4.90
C VAL A 16 2.65 1.43 4.07
N CYS A 17 2.43 1.94 2.86
CA CYS A 17 3.50 2.25 1.94
C CYS A 17 4.36 3.40 2.47
N ARG A 18 3.78 4.23 3.32
CA ARG A 18 4.52 5.32 3.94
C ARG A 18 5.64 4.77 4.82
N LYS A 19 5.42 3.56 5.33
CA LYS A 19 6.41 2.91 6.16
C LYS A 19 7.36 2.07 5.30
N VAL A 20 6.81 1.46 4.26
CA VAL A 20 7.58 0.58 3.38
C VAL A 20 8.53 1.38 2.47
N ILE A 21 7.97 2.24 1.62
CA ILE A 21 8.78 2.96 0.65
C ILE A 21 8.93 4.43 1.02
N GLY A 22 8.24 4.86 2.06
CA GLY A 22 8.37 6.22 2.54
C GLY A 22 7.47 7.20 1.83
N VAL A 23 6.52 6.69 1.06
CA VAL A 23 5.57 7.53 0.37
C VAL A 23 4.16 7.14 0.79
N ALA A 24 3.29 8.12 0.90
CA ALA A 24 1.95 7.89 1.40
C ALA A 24 0.98 7.64 0.25
N ALA A 25 1.41 6.79 -0.66
CA ALA A 25 0.57 6.38 -1.77
C ALA A 25 0.55 4.85 -1.86
N GLY A 26 -0.61 4.28 -1.60
CA GLY A 26 -0.74 2.83 -1.59
C GLY A 26 -2.17 2.41 -1.83
N LYS A 27 -2.39 1.65 -2.88
CA LYS A 27 -3.73 1.27 -3.29
C LYS A 27 -3.96 -0.21 -3.00
N CYS A 28 -5.22 -0.59 -2.86
CA CYS A 28 -5.57 -1.97 -2.55
C CYS A 28 -6.02 -2.71 -3.80
N ILE A 29 -5.34 -3.82 -4.09
CA ILE A 29 -5.71 -4.66 -5.22
C ILE A 29 -5.89 -6.10 -4.78
N ASN A 30 -7.15 -6.51 -4.65
CA ASN A 30 -7.52 -7.88 -4.31
C ASN A 30 -6.82 -8.35 -3.04
N GLY A 31 -6.81 -7.49 -2.02
CA GLY A 31 -6.23 -7.87 -0.74
C GLY A 31 -4.79 -7.44 -0.59
N ARG A 32 -4.12 -7.19 -1.71
CA ARG A 32 -2.71 -6.82 -1.68
C ARG A 32 -2.59 -5.30 -1.85
N CYS A 33 -1.42 -4.76 -1.52
CA CYS A 33 -1.23 -3.32 -1.53
C CYS A 33 -0.15 -2.90 -2.51
N VAL A 34 -0.50 -2.01 -3.43
CA VAL A 34 0.44 -1.49 -4.40
C VAL A 34 0.88 -0.09 -4.00
N CYS A 35 2.17 0.07 -3.81
CA CYS A 35 2.73 1.34 -3.41
C CYS A 35 3.10 2.17 -4.64
N TYR A 36 2.81 3.46 -4.56
CA TYR A 36 3.09 4.38 -5.65
C TYR A 36 4.09 5.44 -5.22
N PRO A 37 5.32 5.38 -5.74
CA PRO A 37 6.36 6.34 -5.43
C PRO A 37 6.35 7.55 -6.38
N ILE A 2 4.49 -0.35 -7.12
CA ILE A 2 5.15 -1.40 -6.37
C ILE A 2 4.14 -2.26 -5.61
N GLU A 3 3.73 -3.36 -6.23
CA GLU A 3 2.84 -4.32 -5.59
C GLU A 3 3.57 -5.07 -4.47
N THR A 4 3.06 -4.95 -3.26
CA THR A 4 3.65 -5.61 -2.10
C THR A 4 2.70 -6.68 -1.56
N ASN A 5 3.23 -7.58 -0.76
CA ASN A 5 2.44 -8.68 -0.21
C ASN A 5 1.77 -8.26 1.10
N LYS A 6 1.77 -6.96 1.36
CA LYS A 6 1.23 -6.42 2.60
C LYS A 6 -0.27 -6.20 2.47
N LYS A 7 -0.95 -6.20 3.61
CA LYS A 7 -2.39 -6.00 3.66
C LYS A 7 -2.73 -4.51 3.56
N CYS A 8 -3.86 -4.23 2.94
CA CYS A 8 -4.29 -2.88 2.67
C CYS A 8 -4.74 -2.18 3.96
N GLN A 9 -4.78 -0.84 3.91
CA GLN A 9 -5.12 -0.04 5.06
C GLN A 9 -6.53 0.53 4.90
N GLY A 10 -7.52 -0.34 4.94
CA GLY A 10 -8.90 0.11 4.82
C GLY A 10 -9.24 0.59 3.42
N GLY A 11 -8.83 -0.17 2.42
CA GLY A 11 -9.15 0.19 1.05
C GLY A 11 -7.95 0.74 0.30
N SER A 12 -7.05 1.39 1.03
CA SER A 12 -5.85 1.94 0.43
C SER A 12 -4.63 1.22 0.99
N CYS A 13 -3.47 1.81 0.84
CA CYS A 13 -2.28 1.31 1.47
C CYS A 13 -1.39 2.48 1.88
N ALA A 14 -2.05 3.60 2.16
CA ALA A 14 -1.36 4.84 2.51
C ALA A 14 -0.38 4.65 3.68
N SER A 15 -0.91 4.26 4.84
CA SER A 15 -0.11 4.13 6.05
C SER A 15 0.88 2.96 5.96
N VAL A 16 0.61 2.01 5.07
CA VAL A 16 1.50 0.87 4.91
C VAL A 16 2.73 1.27 4.09
N CYS A 17 2.49 1.75 2.88
CA CYS A 17 3.56 2.19 2.00
C CYS A 17 4.39 3.31 2.63
N ARG A 18 3.72 4.11 3.46
CA ARG A 18 4.38 5.20 4.18
C ARG A 18 5.55 4.66 5.02
N LYS A 19 5.39 3.46 5.55
CA LYS A 19 6.41 2.86 6.37
C LYS A 19 7.35 2.00 5.54
N VAL A 20 6.80 1.34 4.52
CA VAL A 20 7.58 0.46 3.65
C VAL A 20 8.54 1.24 2.75
N ILE A 21 7.98 2.08 1.89
CA ILE A 21 8.81 2.81 0.92
C ILE A 21 9.03 4.26 1.35
N GLY A 22 8.07 4.83 2.06
CA GLY A 22 8.22 6.19 2.54
C GLY A 22 7.11 7.11 2.09
N VAL A 23 6.49 6.77 0.97
CA VAL A 23 5.42 7.58 0.43
C VAL A 23 4.07 7.04 0.88
N ALA A 24 3.11 7.93 1.05
CA ALA A 24 1.81 7.54 1.58
C ALA A 24 0.80 7.32 0.47
N ALA A 25 1.29 6.94 -0.70
CA ALA A 25 0.42 6.61 -1.81
C ALA A 25 0.40 5.11 -2.01
N GLY A 26 -0.78 4.53 -1.90
CA GLY A 26 -0.92 3.10 -2.04
C GLY A 26 -2.36 2.69 -2.18
N LYS A 27 -2.62 1.73 -3.05
CA LYS A 27 -3.96 1.26 -3.33
C LYS A 27 -4.10 -0.21 -2.96
N CYS A 28 -5.31 -0.71 -3.02
CA CYS A 28 -5.58 -2.09 -2.65
C CYS A 28 -6.06 -2.90 -3.84
N ILE A 29 -5.39 -4.02 -4.11
CA ILE A 29 -5.79 -4.90 -5.19
C ILE A 29 -6.02 -6.32 -4.65
N ASN A 30 -7.29 -6.69 -4.54
CA ASN A 30 -7.69 -8.01 -4.07
C ASN A 30 -7.16 -8.33 -2.68
N GLY A 31 -7.08 -7.30 -1.84
CA GLY A 31 -6.60 -7.50 -0.48
C GLY A 31 -5.09 -7.45 -0.39
N ARG A 32 -4.46 -6.99 -1.45
CA ARG A 32 -3.01 -6.81 -1.48
C ARG A 32 -2.65 -5.36 -1.75
N CYS A 33 -1.49 -4.96 -1.28
CA CYS A 33 -1.09 -3.57 -1.33
C CYS A 33 -0.27 -3.26 -2.57
N VAL A 34 -0.49 -2.09 -3.13
CA VAL A 34 0.32 -1.60 -4.22
C VAL A 34 0.74 -0.15 -3.95
N CYS A 35 2.03 0.05 -3.79
CA CYS A 35 2.57 1.35 -3.46
C CYS A 35 2.79 2.19 -4.72
N TYR A 36 2.50 3.47 -4.62
CA TYR A 36 2.66 4.38 -5.74
C TYR A 36 3.62 5.51 -5.39
N PRO A 37 4.90 5.35 -5.73
CA PRO A 37 5.91 6.39 -5.54
C PRO A 37 5.97 7.34 -6.74
N ILE A 2 4.71 -0.90 -7.05
CA ILE A 2 5.17 -2.06 -6.28
C ILE A 2 4.00 -2.74 -5.58
N GLU A 3 3.45 -3.75 -6.23
CA GLU A 3 2.40 -4.56 -5.62
C GLU A 3 3.03 -5.53 -4.61
N THR A 4 2.89 -5.23 -3.33
CA THR A 4 3.46 -6.07 -2.29
C THR A 4 2.44 -7.07 -1.78
N ASN A 5 2.91 -8.08 -1.04
CA ASN A 5 2.04 -9.13 -0.53
C ASN A 5 1.52 -8.79 0.86
N LYS A 6 1.41 -7.49 1.13
CA LYS A 6 0.85 -7.01 2.40
C LYS A 6 -0.64 -6.75 2.25
N LYS A 7 -1.37 -6.92 3.33
CA LYS A 7 -2.80 -6.75 3.33
C LYS A 7 -3.18 -5.29 3.54
N CYS A 8 -4.23 -4.87 2.85
CA CYS A 8 -4.69 -3.48 2.88
C CYS A 8 -5.00 -3.01 4.30
N GLN A 9 -4.86 -1.70 4.53
CA GLN A 9 -5.07 -1.14 5.85
C GLN A 9 -6.23 -0.15 5.81
N GLY A 10 -7.43 -0.66 5.63
CA GLY A 10 -8.61 0.18 5.63
C GLY A 10 -8.92 0.76 4.26
N GLY A 11 -9.16 -0.12 3.29
CA GLY A 11 -9.53 0.31 1.96
C GLY A 11 -8.33 0.68 1.09
N SER A 12 -7.31 1.26 1.72
CA SER A 12 -6.12 1.66 1.00
C SER A 12 -4.86 1.19 1.73
N CYS A 13 -3.71 1.51 1.18
CA CYS A 13 -2.45 1.15 1.78
C CYS A 13 -1.51 2.35 1.81
N ALA A 14 -2.12 3.53 1.90
CA ALA A 14 -1.37 4.79 1.90
C ALA A 14 -0.39 4.86 3.06
N SER A 15 -0.88 4.55 4.26
CA SER A 15 -0.04 4.60 5.45
C SER A 15 0.91 3.41 5.50
N VAL A 16 0.52 2.32 4.85
CA VAL A 16 1.39 1.16 4.73
C VAL A 16 2.65 1.52 3.96
N CYS A 17 2.45 2.03 2.76
CA CYS A 17 3.56 2.44 1.90
C CYS A 17 4.30 3.63 2.48
N ARG A 18 3.60 4.41 3.31
CA ARG A 18 4.19 5.56 3.98
C ARG A 18 5.30 5.09 4.91
N LYS A 19 5.13 3.88 5.44
CA LYS A 19 6.12 3.29 6.32
C LYS A 19 7.17 2.52 5.52
N VAL A 20 6.73 1.85 4.47
CA VAL A 20 7.63 1.03 3.66
C VAL A 20 8.61 1.90 2.88
N ILE A 21 8.10 2.69 1.94
CA ILE A 21 8.95 3.48 1.07
C ILE A 21 8.85 4.98 1.40
N GLY A 22 7.89 5.34 2.23
CA GLY A 22 7.80 6.72 2.68
C GLY A 22 6.62 7.47 2.10
N VAL A 23 6.24 7.14 0.87
CA VAL A 23 5.16 7.85 0.20
C VAL A 23 3.80 7.31 0.65
N ALA A 24 2.83 8.19 0.74
CA ALA A 24 1.50 7.80 1.14
C ALA A 24 0.66 7.46 -0.08
N ALA A 25 1.26 6.72 -0.99
CA ALA A 25 0.58 6.27 -2.18
C ALA A 25 0.52 4.75 -2.20
N GLY A 26 -0.65 4.23 -1.94
CA GLY A 26 -0.84 2.80 -1.85
C GLY A 26 -2.29 2.41 -1.94
N LYS A 27 -2.61 1.51 -2.86
CA LYS A 27 -3.98 1.10 -3.09
C LYS A 27 -4.21 -0.35 -2.67
N CYS A 28 -5.47 -0.72 -2.56
CA CYS A 28 -5.84 -2.07 -2.21
C CYS A 28 -6.31 -2.83 -3.43
N ILE A 29 -5.39 -3.54 -4.06
CA ILE A 29 -5.69 -4.29 -5.27
C ILE A 29 -5.80 -5.77 -4.95
N ASN A 30 -7.03 -6.28 -4.93
CA ASN A 30 -7.29 -7.70 -4.64
C ASN A 30 -6.78 -8.09 -3.26
N GLY A 31 -6.94 -7.18 -2.30
CA GLY A 31 -6.47 -7.44 -0.95
C GLY A 31 -4.95 -7.38 -0.86
N ARG A 32 -4.35 -6.62 -1.76
CA ARG A 32 -2.90 -6.44 -1.81
C ARG A 32 -2.56 -4.96 -1.77
N CYS A 33 -1.37 -4.65 -1.32
CA CYS A 33 -0.94 -3.26 -1.17
C CYS A 33 0.05 -2.88 -2.27
N VAL A 34 -0.41 -2.04 -3.18
CA VAL A 34 0.45 -1.54 -4.23
C VAL A 34 0.97 -0.14 -3.88
N CYS A 35 2.28 -0.03 -3.79
CA CYS A 35 2.91 1.22 -3.43
C CYS A 35 3.34 1.98 -4.69
N TYR A 36 3.13 3.29 -4.70
CA TYR A 36 3.47 4.11 -5.85
C TYR A 36 4.59 5.09 -5.50
N PRO A 37 5.83 4.77 -5.89
CA PRO A 37 6.99 5.63 -5.66
C PRO A 37 7.12 6.73 -6.71
N ILE A 2 4.64 -0.91 -7.03
CA ILE A 2 5.04 -2.14 -6.36
C ILE A 2 3.86 -2.79 -5.66
N GLU A 3 3.31 -3.83 -6.28
CA GLU A 3 2.27 -4.64 -5.66
C GLU A 3 2.90 -5.56 -4.61
N THR A 4 2.81 -5.17 -3.36
CA THR A 4 3.40 -5.96 -2.28
C THR A 4 2.38 -6.96 -1.74
N ASN A 5 2.89 -8.04 -1.15
CA ASN A 5 2.02 -9.08 -0.60
C ASN A 5 1.51 -8.70 0.79
N LYS A 6 1.33 -7.41 1.00
CA LYS A 6 0.81 -6.89 2.25
C LYS A 6 -0.69 -6.71 2.13
N LYS A 7 -1.41 -7.06 3.19
CA LYS A 7 -2.85 -6.89 3.22
C LYS A 7 -3.19 -5.42 3.40
N CYS A 8 -4.29 -5.01 2.80
CA CYS A 8 -4.73 -3.61 2.82
C CYS A 8 -5.00 -3.15 4.25
N GLN A 9 -4.86 -1.85 4.48
CA GLN A 9 -5.09 -1.28 5.79
C GLN A 9 -6.49 -0.69 5.84
N GLY A 10 -7.48 -1.56 5.97
CA GLY A 10 -8.86 -1.12 5.99
C GLY A 10 -9.43 -0.95 4.60
N GLY A 11 -8.96 0.08 3.90
CA GLY A 11 -9.45 0.34 2.56
C GLY A 11 -8.35 0.68 1.58
N SER A 12 -7.24 1.17 2.10
CA SER A 12 -6.09 1.53 1.27
C SER A 12 -4.79 1.15 1.95
N CYS A 13 -3.67 1.46 1.32
CA CYS A 13 -2.37 1.12 1.86
C CYS A 13 -1.44 2.32 1.82
N ALA A 14 -2.03 3.51 1.84
CA ALA A 14 -1.28 4.76 1.78
C ALA A 14 -0.32 4.87 2.97
N SER A 15 -0.84 4.62 4.17
CA SER A 15 -0.02 4.69 5.38
C SER A 15 0.97 3.53 5.44
N VAL A 16 0.57 2.39 4.87
CA VAL A 16 1.44 1.22 4.81
C VAL A 16 2.69 1.54 3.99
N CYS A 17 2.48 2.03 2.78
CA CYS A 17 3.58 2.38 1.90
C CYS A 17 4.37 3.56 2.47
N ARG A 18 3.68 4.43 3.20
CA ARG A 18 4.33 5.56 3.85
C ARG A 18 5.31 5.07 4.91
N LYS A 19 5.00 3.94 5.53
CA LYS A 19 5.87 3.34 6.52
C LYS A 19 6.98 2.53 5.85
N VAL A 20 6.63 1.82 4.78
CA VAL A 20 7.59 0.99 4.07
C VAL A 20 8.60 1.85 3.30
N ILE A 21 8.15 2.50 2.24
CA ILE A 21 9.05 3.23 1.36
C ILE A 21 9.03 4.73 1.65
N GLY A 22 7.90 5.23 2.13
CA GLY A 22 7.84 6.63 2.52
C GLY A 22 6.68 7.38 1.90
N VAL A 23 6.37 7.07 0.65
CA VAL A 23 5.30 7.76 -0.05
C VAL A 23 3.94 7.31 0.45
N ALA A 24 2.99 8.22 0.48
CA ALA A 24 1.66 7.93 0.97
C ALA A 24 0.73 7.58 -0.19
N ALA A 25 1.26 6.81 -1.12
CA ALA A 25 0.48 6.32 -2.23
C ALA A 25 0.47 4.81 -2.21
N GLY A 26 -0.66 4.26 -1.85
CA GLY A 26 -0.80 2.83 -1.73
C GLY A 26 -2.25 2.41 -1.84
N LYS A 27 -2.55 1.58 -2.82
CA LYS A 27 -3.92 1.21 -3.10
C LYS A 27 -4.17 -0.26 -2.77
N CYS A 28 -5.43 -0.59 -2.57
CA CYS A 28 -5.83 -1.94 -2.20
C CYS A 28 -6.27 -2.72 -3.43
N ILE A 29 -5.52 -3.76 -3.78
CA ILE A 29 -5.86 -4.61 -4.91
C ILE A 29 -6.01 -6.06 -4.45
N ASN A 30 -7.25 -6.50 -4.33
CA ASN A 30 -7.55 -7.89 -3.93
C ASN A 30 -6.88 -8.26 -2.61
N GLY A 31 -6.79 -7.31 -1.70
CA GLY A 31 -6.16 -7.56 -0.42
C GLY A 31 -4.65 -7.42 -0.48
N ARG A 32 -4.18 -6.68 -1.47
CA ARG A 32 -2.75 -6.42 -1.61
C ARG A 32 -2.49 -4.92 -1.64
N CYS A 33 -1.27 -4.54 -1.28
CA CYS A 33 -0.89 -3.15 -1.21
C CYS A 33 0.05 -2.76 -2.35
N VAL A 34 -0.47 -2.01 -3.31
CA VAL A 34 0.36 -1.51 -4.38
C VAL A 34 0.86 -0.11 -4.06
N CYS A 35 2.16 0.00 -3.84
CA CYS A 35 2.79 1.26 -3.51
C CYS A 35 3.16 2.00 -4.78
N TYR A 36 2.95 3.31 -4.78
CA TYR A 36 3.25 4.13 -5.95
C TYR A 36 4.30 5.18 -5.62
N PRO A 37 5.58 4.84 -5.82
CA PRO A 37 6.69 5.77 -5.62
C PRO A 37 6.86 6.70 -6.82
#